data_7CCI
#
_entry.id   7CCI
#
_cell.length_a   34.885
_cell.length_b   70.975
_cell.length_c   53.250
_cell.angle_alpha   90.000
_cell.angle_beta   107.065
_cell.angle_gamma   90.000
#
_symmetry.space_group_name_H-M   'P 1 21 1'
#
loop_
_entity.id
_entity.type
_entity.pdbx_description
1 polymer AdeR
2 non-polymer 'MAGNESIUM ION'
3 water water
#
_entity_poly.entity_id   1
_entity_poly.type   'polypeptide(L)'
_entity_poly.pdbx_seq_one_letter_code
;MGHHHHHHFDHSFSFDCQDKVILVVEDDYDIGDIIENYLKREGMSVIRAMNGKQAIELHASQPIDLILLDIKLPELNGWE
VLNKIRQKAQTPVIMLTALDQDIDKVMALRIGADDFVVAPFNPNEVIARVQAVLRRTQFANKAT
;
_entity_poly.pdbx_strand_id   A,B
#
loop_
_chem_comp.id
_chem_comp.type
_chem_comp.name
_chem_comp.formula
MG non-polymer 'MAGNESIUM ION' 'Mg 2'
#
# COMPACT_ATOMS: atom_id res chain seq x y z
N HIS A 6 -27.25 -6.28 -6.52
CA HIS A 6 -25.96 -6.82 -6.94
C HIS A 6 -24.94 -6.68 -5.82
N HIS A 7 -24.19 -7.74 -5.55
CA HIS A 7 -23.40 -7.88 -4.33
C HIS A 7 -21.92 -7.97 -4.68
N HIS A 8 -21.19 -6.89 -4.42
CA HIS A 8 -19.79 -6.79 -4.82
C HIS A 8 -18.84 -7.00 -3.66
N PHE A 9 -19.34 -7.23 -2.45
CA PHE A 9 -18.53 -7.11 -1.25
C PHE A 9 -18.66 -8.34 -0.37
N ASP A 10 -17.69 -8.48 0.51
CA ASP A 10 -17.58 -9.61 1.44
C ASP A 10 -17.03 -9.00 2.71
N HIS A 11 -17.85 -8.92 3.75
CA HIS A 11 -17.42 -8.24 4.97
C HIS A 11 -16.83 -9.19 5.99
N SER A 12 -16.55 -10.43 5.62
CA SER A 12 -15.93 -11.35 6.56
C SER A 12 -14.44 -11.08 6.73
N PHE A 13 -13.84 -10.29 5.84
CA PHE A 13 -12.38 -10.19 5.83
C PHE A 13 -11.84 -9.59 7.14
N SER A 14 -12.60 -8.69 7.77
CA SER A 14 -12.13 -8.08 9.01
C SER A 14 -12.08 -9.07 10.16
N PHE A 15 -12.98 -10.06 10.19
CA PHE A 15 -12.95 -11.06 11.24
C PHE A 15 -11.71 -11.92 11.19
N ASP A 16 -11.06 -12.04 10.02
CA ASP A 16 -9.89 -12.88 9.92
C ASP A 16 -8.68 -12.27 10.61
N CYS A 17 -8.69 -10.96 10.86
CA CYS A 17 -7.62 -10.22 11.52
CA CYS A 17 -7.55 -10.35 11.52
C CYS A 17 -7.71 -10.27 13.03
N GLN A 18 -8.84 -10.70 13.57
CA GLN A 18 -9.01 -10.68 15.01
C GLN A 18 -7.98 -11.57 15.70
N ASP A 19 -7.45 -11.06 16.81
CA ASP A 19 -6.46 -11.70 17.67
C ASP A 19 -5.07 -11.80 17.04
N LYS A 20 -4.88 -11.34 15.80
CA LYS A 20 -3.53 -11.23 15.26
C LYS A 20 -2.73 -10.22 16.08
N VAL A 21 -1.42 -10.44 16.18
CA VAL A 21 -0.54 -9.71 17.10
C VAL A 21 0.30 -8.71 16.32
N ILE A 22 0.19 -7.43 16.66
CA ILE A 22 0.88 -6.35 15.94
C ILE A 22 1.92 -5.76 16.87
N LEU A 23 3.19 -5.79 16.46
CA LEU A 23 4.26 -5.12 17.19
C LEU A 23 4.33 -3.67 16.69
N VAL A 24 3.97 -2.72 17.55
CA VAL A 24 3.92 -1.31 17.17
C VAL A 24 5.20 -0.67 17.73
N VAL A 25 6.09 -0.26 16.82
CA VAL A 25 7.40 0.30 17.16
C VAL A 25 7.33 1.78 16.83
N GLU A 26 7.16 2.63 17.85
CA GLU A 26 6.90 4.04 17.61
C GLU A 26 7.53 4.80 18.77
N ASP A 27 8.36 5.80 18.45
CA ASP A 27 9.11 6.52 19.48
C ASP A 27 8.25 7.56 20.21
N ASP A 28 7.15 7.99 19.61
CA ASP A 28 6.26 8.96 20.24
C ASP A 28 5.17 8.21 21.01
N TYR A 29 5.15 8.39 22.35
CA TYR A 29 4.21 7.64 23.18
C TYR A 29 2.76 7.91 22.79
N ASP A 30 2.43 9.17 22.47
CA ASP A 30 1.05 9.50 22.18
C ASP A 30 0.59 8.91 20.85
N ILE A 31 1.46 8.97 19.83
CA ILE A 31 1.11 8.37 18.54
C ILE A 31 0.89 6.87 18.69
N GLY A 32 1.76 6.20 19.44
CA GLY A 32 1.61 4.77 19.63
C GLY A 32 0.37 4.40 20.45
N ASP A 33 0.03 5.22 21.46
CA ASP A 33 -1.19 5.00 22.21
C ASP A 33 -2.41 5.04 21.30
N ILE A 34 -2.45 6.02 20.40
CA ILE A 34 -3.61 6.18 19.53
C ILE A 34 -3.69 5.04 18.53
N ILE A 35 -2.55 4.68 17.90
CA ILE A 35 -2.53 3.57 16.97
C ILE A 35 -2.98 2.29 17.66
N GLU A 36 -2.45 2.04 18.87
CA GLU A 36 -2.85 0.85 19.62
C GLU A 36 -4.35 0.81 19.87
N ASN A 37 -4.94 1.95 20.24
CA ASN A 37 -6.38 1.97 20.52
C ASN A 37 -7.19 1.58 19.28
N TYR A 38 -6.84 2.15 18.13
CA TYR A 38 -7.57 1.83 16.90
C TYR A 38 -7.41 0.36 16.53
N LEU A 39 -6.19 -0.20 16.68
CA LEU A 39 -5.99 -1.60 16.34
C LEU A 39 -6.79 -2.51 17.26
N LYS A 40 -6.80 -2.21 18.57
CA LYS A 40 -7.56 -3.01 19.52
C LYS A 40 -9.06 -2.86 19.31
N ARG A 41 -9.51 -1.67 18.91
CA ARG A 41 -10.93 -1.48 18.60
C ARG A 41 -11.41 -2.47 17.54
N GLU A 42 -10.53 -2.82 16.60
CA GLU A 42 -10.86 -3.74 15.53
C GLU A 42 -10.51 -5.18 15.87
N GLY A 43 -10.16 -5.44 17.12
CA GLY A 43 -9.97 -6.80 17.59
C GLY A 43 -8.58 -7.35 17.47
N MET A 44 -7.60 -6.56 17.05
CA MET A 44 -6.23 -7.07 17.04
C MET A 44 -5.60 -6.86 18.40
N SER A 45 -4.49 -7.56 18.65
CA SER A 45 -3.68 -7.39 19.84
CA SER A 45 -3.73 -7.30 19.85
C SER A 45 -2.42 -6.60 19.50
N VAL A 46 -1.88 -5.89 20.50
CA VAL A 46 -0.74 -4.99 20.28
C VAL A 46 0.32 -5.23 21.33
N ILE A 47 1.58 -5.25 20.89
CA ILE A 47 2.74 -5.17 21.76
C ILE A 47 3.48 -3.89 21.40
N ARG A 48 3.82 -3.09 22.40
CA ARG A 48 4.45 -1.78 22.19
C ARG A 48 5.96 -1.85 22.42
N ALA A 49 6.72 -1.36 21.45
CA ALA A 49 8.15 -1.11 21.62
C ALA A 49 8.45 0.35 21.32
N MET A 50 9.26 1.00 22.18
CA MET A 50 9.56 2.41 22.04
C MET A 50 10.87 2.70 21.33
N ASN A 51 11.69 1.69 21.08
CA ASN A 51 12.95 1.88 20.39
C ASN A 51 13.34 0.57 19.72
N GLY A 52 14.45 0.60 18.99
CA GLY A 52 14.88 -0.58 18.24
C GLY A 52 15.24 -1.77 19.09
N LYS A 53 15.91 -1.52 20.24
CA LYS A 53 16.32 -2.63 21.09
C LYS A 53 15.11 -3.36 21.65
N GLN A 54 14.11 -2.61 22.10
CA GLN A 54 12.88 -3.23 22.55
C GLN A 54 12.20 -3.99 21.43
N ALA A 55 12.20 -3.43 20.22
CA ALA A 55 11.56 -4.12 19.10
C ALA A 55 12.24 -5.45 18.83
N ILE A 56 13.57 -5.48 18.86
CA ILE A 56 14.30 -6.70 18.56
C ILE A 56 14.07 -7.75 19.66
N GLU A 57 14.06 -7.33 20.93
CA GLU A 57 13.83 -8.29 22.00
C GLU A 57 12.43 -8.88 21.94
N LEU A 58 11.42 -8.02 21.75
CA LEU A 58 10.03 -8.50 21.76
C LEU A 58 9.75 -9.35 20.54
N HIS A 59 10.32 -8.99 19.39
CA HIS A 59 10.18 -9.81 18.20
C HIS A 59 10.83 -11.17 18.37
N ALA A 60 11.95 -11.22 19.10
CA ALA A 60 12.63 -12.51 19.29
C ALA A 60 11.84 -13.44 20.19
N SER A 61 11.05 -12.91 21.11
CA SER A 61 10.43 -13.73 22.15
C SER A 61 8.93 -13.93 22.00
N GLN A 62 8.24 -13.06 21.28
CA GLN A 62 6.79 -13.09 21.19
C GLN A 62 6.36 -13.48 19.78
N PRO A 63 5.30 -14.27 19.62
CA PRO A 63 4.75 -14.49 18.28
C PRO A 63 4.17 -13.19 17.77
N ILE A 64 4.73 -12.70 16.66
CA ILE A 64 4.32 -11.44 16.05
C ILE A 64 3.79 -11.74 14.65
N ASP A 65 2.59 -11.24 14.35
CA ASP A 65 2.05 -11.42 13.01
C ASP A 65 2.43 -10.30 12.05
N LEU A 66 2.68 -9.10 12.56
CA LEU A 66 3.04 -7.97 11.71
C LEU A 66 3.71 -6.90 12.55
N ILE A 67 4.68 -6.20 11.97
CA ILE A 67 5.38 -5.10 12.64
C ILE A 67 5.01 -3.79 11.95
N LEU A 68 4.57 -2.83 12.75
CA LEU A 68 4.38 -1.44 12.32
C LEU A 68 5.59 -0.66 12.82
N LEU A 69 6.42 -0.16 11.90
CA LEU A 69 7.79 0.22 12.25
C LEU A 69 8.05 1.69 11.88
N ASP A 70 8.26 2.52 12.92
CA ASP A 70 8.70 3.91 12.77
C ASP A 70 10.09 3.99 12.15
N ILE A 71 10.32 5.03 11.34
CA ILE A 71 11.64 5.21 10.77
C ILE A 71 12.59 5.93 11.72
N LYS A 72 12.10 6.95 12.43
CA LYS A 72 12.94 7.71 13.34
C LYS A 72 12.83 7.12 14.73
N LEU A 73 13.96 6.66 15.26
CA LEU A 73 14.03 6.00 16.56
C LEU A 73 15.31 6.49 17.24
N PRO A 74 15.38 6.38 18.57
CA PRO A 74 16.46 7.07 19.29
C PRO A 74 17.86 6.56 19.00
N GLU A 75 18.05 5.26 18.77
CA GLU A 75 19.39 4.74 18.51
C GLU A 75 19.46 4.13 17.12
N LEU A 76 19.23 2.83 17.00
CA LEU A 76 19.03 2.26 15.68
C LEU A 76 17.84 2.92 15.01
N ASN A 77 17.98 3.30 13.74
CA ASN A 77 16.80 3.83 13.09
C ASN A 77 15.97 2.67 12.53
N GLY A 78 14.79 3.01 12.00
CA GLY A 78 13.86 1.97 11.58
C GLY A 78 14.39 1.08 10.47
N TRP A 79 15.17 1.65 9.54
CA TRP A 79 15.77 0.84 8.48
C TRP A 79 16.75 -0.18 9.05
N GLU A 80 17.54 0.25 10.04
CA GLU A 80 18.51 -0.64 10.65
C GLU A 80 17.82 -1.70 11.51
N VAL A 81 16.74 -1.32 12.21
CA VAL A 81 15.94 -2.30 12.94
C VAL A 81 15.36 -3.33 11.97
N LEU A 82 14.85 -2.87 10.82
CA LEU A 82 14.29 -3.80 9.85
C LEU A 82 15.33 -4.83 9.41
N ASN A 83 16.56 -4.39 9.14
CA ASN A 83 17.62 -5.32 8.74
C ASN A 83 17.93 -6.30 9.85
N LYS A 84 17.97 -5.86 11.11
CA LYS A 84 18.25 -6.80 12.20
C LYS A 84 17.11 -7.79 12.35
N ILE A 85 15.86 -7.35 12.18
CA ILE A 85 14.74 -8.26 12.28
C ILE A 85 14.80 -9.30 11.17
N ARG A 86 15.12 -8.86 9.95
CA ARG A 86 15.11 -9.78 8.82
C ARG A 86 16.28 -10.75 8.82
N GLN A 87 17.36 -10.45 9.56
CA GLN A 87 18.43 -11.43 9.72
C GLN A 87 17.95 -12.69 10.41
N LYS A 88 16.89 -12.59 11.21
CA LYS A 88 16.35 -13.73 11.93
C LYS A 88 15.04 -14.26 11.38
N ALA A 89 14.17 -13.41 10.82
CA ALA A 89 12.87 -13.87 10.37
C ALA A 89 12.26 -12.87 9.40
N GLN A 90 11.44 -13.39 8.50
CA GLN A 90 10.77 -12.64 7.44
C GLN A 90 9.40 -12.10 7.85
N THR A 91 9.30 -11.54 9.05
CA THR A 91 8.01 -11.09 9.59
C THR A 91 7.48 -9.93 8.74
N PRO A 92 6.20 -9.93 8.36
CA PRO A 92 5.68 -8.80 7.57
C PRO A 92 5.84 -7.49 8.32
N VAL A 93 6.11 -6.42 7.55
CA VAL A 93 6.41 -5.11 8.13
C VAL A 93 5.70 -4.04 7.33
N ILE A 94 5.12 -3.06 8.02
CA ILE A 94 4.58 -1.85 7.41
C ILE A 94 5.36 -0.67 8.00
N MET A 95 5.97 0.14 7.13
CA MET A 95 6.75 1.28 7.61
C MET A 95 5.85 2.48 7.88
N LEU A 96 6.08 3.13 9.02
CA LEU A 96 5.44 4.41 9.34
C LEU A 96 6.37 5.52 8.86
N THR A 97 6.01 6.19 7.78
CA THR A 97 6.87 7.18 7.16
C THR A 97 6.29 8.58 7.38
N ALA A 98 7.13 9.60 7.24
CA ALA A 98 6.67 10.96 7.42
C ALA A 98 7.28 11.96 6.44
N LEU A 99 8.48 11.72 5.93
CA LEU A 99 9.14 12.65 5.03
C LEU A 99 9.22 12.06 3.63
N ASP A 100 9.31 12.94 2.63
CA ASP A 100 9.55 12.50 1.27
C ASP A 100 10.75 11.56 1.17
N GLN A 101 11.83 11.87 1.89
CA GLN A 101 13.01 11.02 1.84
C GLN A 101 12.72 9.61 2.36
N ASP A 102 11.74 9.47 3.25
CA ASP A 102 11.35 8.14 3.72
C ASP A 102 10.67 7.35 2.60
N ILE A 103 9.86 8.06 1.78
CA ILE A 103 9.22 7.39 0.65
C ILE A 103 10.27 6.92 -0.35
N ASP A 104 11.29 7.75 -0.59
CA ASP A 104 12.38 7.34 -1.47
C ASP A 104 13.04 6.06 -0.94
N LYS A 105 13.28 6.00 0.37
CA LYS A 105 13.97 4.84 0.92
C LYS A 105 13.08 3.60 0.88
N VAL A 106 11.78 3.76 1.09
CA VAL A 106 10.87 2.62 0.94
C VAL A 106 10.97 2.06 -0.47
N MET A 107 10.93 2.94 -1.47
CA MET A 107 10.97 2.49 -2.86
CA MET A 107 10.97 2.49 -2.86
C MET A 107 12.27 1.76 -3.17
N ALA A 108 13.36 2.13 -2.52
CA ALA A 108 14.66 1.56 -2.82
C ALA A 108 14.91 0.23 -2.14
N LEU A 109 14.03 -0.22 -1.22
CA LEU A 109 14.33 -1.46 -0.50
C LEU A 109 14.35 -2.65 -1.45
N ARG A 110 15.45 -3.44 -1.42
CA ARG A 110 15.55 -4.61 -2.28
C ARG A 110 14.53 -5.68 -1.91
N ILE A 111 14.34 -5.93 -0.62
CA ILE A 111 13.25 -6.76 -0.12
C ILE A 111 12.17 -5.77 0.32
N GLY A 112 11.11 -5.66 -0.46
CA GLY A 112 10.16 -4.59 -0.24
C GLY A 112 9.49 -4.69 1.10
N ALA A 113 9.19 -3.53 1.70
CA ALA A 113 8.29 -3.52 2.83
C ALA A 113 6.93 -4.03 2.38
N ASP A 114 6.24 -4.74 3.27
CA ASP A 114 4.94 -5.26 2.87
C ASP A 114 3.97 -4.12 2.56
N ASP A 115 4.07 -3.02 3.29
CA ASP A 115 3.35 -1.79 2.93
C ASP A 115 4.02 -0.63 3.66
N PHE A 116 3.48 0.55 3.47
CA PHE A 116 3.90 1.72 4.22
C PHE A 116 2.69 2.64 4.36
N VAL A 117 2.78 3.57 5.31
CA VAL A 117 1.73 4.57 5.46
C VAL A 117 2.40 5.90 5.76
N VAL A 118 1.88 6.98 5.16
CA VAL A 118 2.51 8.30 5.19
C VAL A 118 1.78 9.21 6.16
N ALA A 119 2.53 9.85 7.06
CA ALA A 119 1.94 10.80 7.99
C ALA A 119 1.47 12.04 7.23
N PRO A 120 0.41 12.72 7.72
CA PRO A 120 -0.32 12.40 8.96
C PRO A 120 -1.14 11.12 8.81
N PHE A 121 -1.17 10.32 9.87
CA PHE A 121 -1.70 8.97 9.78
C PHE A 121 -3.23 9.00 9.80
N ASN A 122 -3.84 8.49 8.76
CA ASN A 122 -5.27 8.27 8.71
C ASN A 122 -5.53 6.96 9.46
N PRO A 123 -6.21 6.97 10.61
CA PRO A 123 -6.28 5.73 11.41
C PRO A 123 -7.04 4.62 10.71
N ASN A 124 -8.05 4.95 9.90
CA ASN A 124 -8.75 3.90 9.17
C ASN A 124 -7.89 3.35 8.06
N GLU A 125 -6.99 4.16 7.48
CA GLU A 125 -6.03 3.63 6.53
C GLU A 125 -5.01 2.70 7.21
N VAL A 126 -4.53 3.07 8.42
CA VAL A 126 -3.59 2.19 9.12
C VAL A 126 -4.23 0.83 9.39
N ILE A 127 -5.43 0.83 9.96
CA ILE A 127 -6.19 -0.41 10.17
C ILE A 127 -6.29 -1.22 8.89
N ALA A 128 -6.71 -0.57 7.80
CA ALA A 128 -6.93 -1.27 6.54
C ALA A 128 -5.64 -1.85 5.98
N ARG A 129 -4.53 -1.11 6.07
CA ARG A 129 -3.28 -1.65 5.50
C ARG A 129 -2.77 -2.83 6.33
N VAL A 130 -2.89 -2.76 7.65
CA VAL A 130 -2.55 -3.90 8.50
C VAL A 130 -3.38 -5.11 8.12
N GLN A 131 -4.70 -4.93 7.99
CA GLN A 131 -5.56 -6.05 7.63
C GLN A 131 -5.19 -6.63 6.27
N ALA A 132 -4.87 -5.75 5.31
CA ALA A 132 -4.58 -6.23 3.97
C ALA A 132 -3.29 -7.03 3.93
N VAL A 133 -2.27 -6.61 4.69
CA VAL A 133 -1.01 -7.35 4.70
C VAL A 133 -1.18 -8.67 5.43
N LEU A 134 -1.94 -8.67 6.53
CA LEU A 134 -2.20 -9.93 7.25
C LEU A 134 -2.89 -10.94 6.32
N ARG A 135 -3.82 -10.47 5.51
CA ARG A 135 -4.51 -11.37 4.58
C ARG A 135 -3.57 -11.90 3.51
N ARG A 136 -2.72 -11.02 2.94
CA ARG A 136 -1.81 -11.43 1.87
C ARG A 136 -0.74 -12.39 2.36
N THR A 137 -0.34 -12.29 3.64
CA THR A 137 0.77 -13.07 4.17
C THR A 137 0.26 -14.23 5.03
N GLN A 138 -0.72 -14.94 4.48
CA GLN A 138 -1.33 -16.12 5.10
C GLN A 138 -2.09 -15.74 6.37
N HIS B 7 28.46 1.54 3.64
CA HIS B 7 27.61 0.38 3.93
C HIS B 7 28.25 -0.91 3.40
N HIS B 8 28.39 -1.90 4.29
CA HIS B 8 29.01 -3.14 3.90
C HIS B 8 28.05 -4.09 3.21
N PHE B 9 26.75 -3.87 3.34
CA PHE B 9 25.74 -4.73 2.76
C PHE B 9 24.87 -3.95 1.78
N ASP B 10 24.26 -4.69 0.86
CA ASP B 10 23.51 -4.15 -0.27
C ASP B 10 22.03 -4.44 -0.03
N HIS B 11 21.31 -3.44 0.48
CA HIS B 11 19.92 -3.57 0.86
C HIS B 11 19.01 -2.73 -0.02
N SER B 12 19.56 -1.94 -0.92
CA SER B 12 18.78 -0.95 -1.67
C SER B 12 19.12 -1.01 -3.14
N PHE B 13 18.18 -0.52 -3.96
CA PHE B 13 18.38 -0.54 -5.40
C PHE B 13 17.41 0.43 -6.05
N SER B 14 17.50 0.56 -7.36
CA SER B 14 16.59 1.42 -8.11
C SER B 14 15.81 0.55 -9.09
N PHE B 15 14.51 0.38 -8.83
CA PHE B 15 13.69 -0.48 -9.68
C PHE B 15 13.49 0.14 -11.06
N ASP B 16 13.67 -0.68 -12.09
CA ASP B 16 13.61 -0.24 -13.49
C ASP B 16 12.17 -0.30 -13.99
N CYS B 17 11.54 0.88 -14.13
CA CYS B 17 10.17 0.98 -14.62
C CYS B 17 10.10 1.35 -16.09
N GLN B 18 11.24 1.42 -16.78
CA GLN B 18 11.25 1.92 -18.15
C GLN B 18 10.31 1.10 -19.02
N ASP B 19 9.44 1.81 -19.75
CA ASP B 19 8.51 1.26 -20.74
C ASP B 19 7.34 0.49 -20.13
N LYS B 20 7.20 0.44 -18.81
CA LYS B 20 5.95 -0.06 -18.23
C LYS B 20 4.80 0.84 -18.66
N VAL B 21 3.65 0.24 -18.99
CA VAL B 21 2.50 0.96 -19.52
C VAL B 21 1.46 1.07 -18.41
N ILE B 22 1.12 2.29 -18.04
CA ILE B 22 0.17 2.56 -16.95
C ILE B 22 -1.10 3.19 -17.51
N LEU B 23 -2.24 2.58 -17.22
CA LEU B 23 -3.53 3.16 -17.59
C LEU B 23 -4.06 3.97 -16.40
N VAL B 24 -4.22 5.27 -16.59
CA VAL B 24 -4.61 6.17 -15.51
C VAL B 24 -6.05 6.58 -15.76
N VAL B 25 -6.96 6.11 -14.90
CA VAL B 25 -8.41 6.29 -15.06
C VAL B 25 -8.86 7.27 -13.98
N GLU B 26 -9.09 8.52 -14.38
CA GLU B 26 -9.36 9.59 -13.42
C GLU B 26 -10.11 10.69 -14.18
N ASP B 27 -11.25 11.13 -13.63
CA ASP B 27 -12.03 12.16 -14.30
C ASP B 27 -11.51 13.56 -14.00
N ASP B 28 -10.73 13.75 -12.94
CA ASP B 28 -10.17 15.04 -12.59
C ASP B 28 -8.94 15.33 -13.45
N TYR B 29 -9.00 16.38 -14.27
CA TYR B 29 -7.92 16.67 -15.21
C TYR B 29 -6.61 16.93 -14.49
N ASP B 30 -6.63 17.74 -13.43
CA ASP B 30 -5.38 18.18 -12.83
C ASP B 30 -4.69 17.07 -12.08
N ILE B 31 -5.46 16.27 -11.31
CA ILE B 31 -4.87 15.12 -10.64
C ILE B 31 -4.34 14.12 -11.64
N GLY B 32 -5.12 13.85 -12.70
CA GLY B 32 -4.63 12.96 -13.75
C GLY B 32 -3.33 13.45 -14.37
N ASP B 33 -3.24 14.76 -14.64
CA ASP B 33 -2.04 15.32 -15.26
C ASP B 33 -0.84 15.21 -14.33
N ILE B 34 -1.05 15.44 -13.05
CA ILE B 34 0.05 15.34 -12.07
C ILE B 34 0.57 13.92 -12.03
N ILE B 35 -0.34 12.95 -11.93
CA ILE B 35 0.04 11.54 -11.94
C ILE B 35 0.80 11.20 -13.22
N GLU B 36 0.26 11.61 -14.37
CA GLU B 36 0.92 11.31 -15.63
C GLU B 36 2.34 11.86 -15.67
N ASN B 37 2.52 13.11 -15.24
CA ASN B 37 3.84 13.73 -15.27
C ASN B 37 4.83 12.98 -14.38
N TYR B 38 4.38 12.54 -13.20
CA TYR B 38 5.26 11.83 -12.27
C TYR B 38 5.62 10.44 -12.80
N LEU B 39 4.65 9.76 -13.42
CA LEU B 39 4.94 8.45 -14.01
C LEU B 39 5.93 8.56 -15.16
N LYS B 40 5.77 9.57 -16.01
CA LYS B 40 6.67 9.69 -17.14
C LYS B 40 8.10 9.97 -16.71
N ARG B 41 8.26 10.68 -15.58
CA ARG B 41 9.59 10.96 -15.06
CA ARG B 41 9.60 10.96 -15.08
C ARG B 41 10.36 9.68 -14.73
N GLU B 42 9.65 8.60 -14.42
CA GLU B 42 10.29 7.32 -14.15
C GLU B 42 10.48 6.50 -15.42
N GLY B 43 10.12 7.04 -16.59
CA GLY B 43 10.23 6.31 -17.82
C GLY B 43 9.03 5.45 -18.17
N MET B 44 7.93 5.59 -17.45
CA MET B 44 6.77 4.79 -17.77
C MET B 44 5.99 5.44 -18.91
N SER B 45 5.22 4.61 -19.63
CA SER B 45 4.28 5.08 -20.63
C SER B 45 2.91 5.22 -19.99
N VAL B 46 2.18 6.27 -20.35
CA VAL B 46 0.90 6.54 -19.72
C VAL B 46 -0.19 6.61 -20.78
N ILE B 47 -1.29 5.91 -20.52
CA ILE B 47 -2.54 6.00 -21.28
C ILE B 47 -3.59 6.59 -20.36
N ARG B 48 -4.30 7.62 -20.84
CA ARG B 48 -5.29 8.30 -20.02
C ARG B 48 -6.70 7.85 -20.38
N ALA B 49 -7.52 7.62 -19.36
CA ALA B 49 -8.95 7.43 -19.53
C ALA B 49 -9.69 8.34 -18.56
N MET B 50 -10.73 9.02 -19.04
CA MET B 50 -11.53 9.95 -18.26
CA MET B 50 -11.49 9.92 -18.20
C MET B 50 -12.84 9.35 -17.75
N ASN B 51 -13.24 8.19 -18.27
CA ASN B 51 -14.42 7.50 -17.75
C ASN B 51 -14.24 6.01 -17.93
N GLY B 52 -15.17 5.24 -17.37
CA GLY B 52 -14.99 3.79 -17.29
C GLY B 52 -15.13 3.07 -18.61
N LYS B 53 -16.10 3.46 -19.45
CA LYS B 53 -16.25 2.77 -20.72
C LYS B 53 -15.02 2.96 -21.60
N GLN B 54 -14.43 4.16 -21.57
CA GLN B 54 -13.18 4.39 -22.26
C GLN B 54 -12.06 3.53 -21.67
N ALA B 55 -11.99 3.46 -20.34
CA ALA B 55 -10.96 2.66 -19.68
C ALA B 55 -11.05 1.19 -20.11
N ILE B 56 -12.26 0.66 -20.15
CA ILE B 56 -12.45 -0.75 -20.52
C ILE B 56 -12.02 -0.98 -21.96
N GLU B 57 -12.38 -0.07 -22.86
CA GLU B 57 -11.98 -0.22 -24.26
C GLU B 57 -10.47 -0.08 -24.45
N LEU B 58 -9.84 0.86 -23.74
CA LEU B 58 -8.39 1.01 -23.89
C LEU B 58 -7.66 -0.19 -23.32
N HIS B 59 -8.15 -0.74 -22.20
CA HIS B 59 -7.56 -1.94 -21.64
C HIS B 59 -7.72 -3.14 -22.58
N ALA B 60 -8.85 -3.22 -23.27
CA ALA B 60 -9.10 -4.36 -24.14
C ALA B 60 -8.26 -4.33 -25.41
N SER B 61 -7.74 -3.17 -25.81
CA SER B 61 -7.09 -3.03 -27.10
CA SER B 61 -7.08 -3.03 -27.10
C SER B 61 -5.57 -2.90 -27.01
N GLN B 62 -4.99 -3.01 -25.80
CA GLN B 62 -3.58 -2.70 -25.67
C GLN B 62 -2.99 -3.42 -24.47
N PRO B 63 -1.74 -3.86 -24.53
CA PRO B 63 -1.10 -4.37 -23.32
C PRO B 63 -0.94 -3.29 -22.26
N ILE B 64 -1.33 -3.61 -21.03
CA ILE B 64 -1.27 -2.69 -19.89
C ILE B 64 -0.57 -3.41 -18.74
N ASP B 65 0.37 -2.73 -18.09
CA ASP B 65 1.05 -3.33 -16.94
C ASP B 65 0.38 -3.03 -15.61
N LEU B 66 -0.33 -1.91 -15.49
CA LEU B 66 -0.99 -1.56 -14.25
C LEU B 66 -2.02 -0.49 -14.51
N ILE B 67 -3.12 -0.55 -13.76
CA ILE B 67 -4.20 0.43 -13.83
C ILE B 67 -4.29 1.19 -12.52
N LEU B 68 -4.25 2.51 -12.59
CA LEU B 68 -4.65 3.38 -11.49
C LEU B 68 -6.11 3.79 -11.72
N LEU B 69 -6.99 3.39 -10.81
CA LEU B 69 -8.44 3.40 -11.07
C LEU B 69 -9.19 4.21 -10.02
N ASP B 70 -9.79 5.32 -10.45
CA ASP B 70 -10.71 6.09 -9.62
C ASP B 70 -11.87 5.23 -9.13
N ILE B 71 -12.11 5.23 -7.83
CA ILE B 71 -13.21 4.45 -7.27
C ILE B 71 -14.57 5.06 -7.61
N LYS B 72 -14.60 6.34 -7.95
CA LYS B 72 -15.85 7.06 -8.23
C LYS B 72 -15.73 7.76 -9.58
N LEU B 73 -16.31 7.19 -10.62
CA LEU B 73 -16.35 7.80 -11.93
C LEU B 73 -17.76 8.33 -12.20
N PRO B 74 -17.95 9.13 -13.26
CA PRO B 74 -19.25 9.78 -13.44
C PRO B 74 -20.43 8.82 -13.56
N GLU B 75 -20.28 7.67 -14.21
CA GLU B 75 -21.40 6.76 -14.35
C GLU B 75 -21.12 5.33 -13.91
N LEU B 76 -19.89 5.00 -13.51
CA LEU B 76 -19.59 3.67 -12.96
C LEU B 76 -18.79 3.83 -11.67
N ASN B 77 -18.96 2.88 -10.76
CA ASN B 77 -18.06 2.78 -9.61
C ASN B 77 -16.84 1.93 -10.00
N GLY B 78 -15.75 2.16 -9.28
CA GLY B 78 -14.48 1.55 -9.67
C GLY B 78 -14.55 0.04 -9.78
N TRP B 79 -15.29 -0.60 -8.87
CA TRP B 79 -15.36 -2.06 -8.88
C TRP B 79 -16.14 -2.57 -10.09
N GLU B 80 -17.04 -1.76 -10.65
CA GLU B 80 -17.72 -2.15 -11.88
C GLU B 80 -16.74 -2.18 -13.05
N VAL B 81 -15.83 -1.22 -13.11
CA VAL B 81 -14.78 -1.21 -14.12
C VAL B 81 -13.84 -2.39 -13.92
N LEU B 82 -13.40 -2.59 -12.67
CA LEU B 82 -12.48 -3.67 -12.36
C LEU B 82 -13.09 -5.02 -12.72
N ASN B 83 -14.39 -5.20 -12.49
CA ASN B 83 -15.04 -6.48 -12.80
C ASN B 83 -15.01 -6.76 -14.29
N LYS B 84 -15.18 -5.74 -15.12
CA LYS B 84 -15.11 -5.92 -16.57
C LYS B 84 -13.68 -6.14 -17.05
N ILE B 85 -12.73 -5.38 -16.50
CA ILE B 85 -11.33 -5.54 -16.87
C ILE B 85 -10.86 -6.95 -16.57
N ARG B 86 -11.28 -7.49 -15.41
CA ARG B 86 -10.82 -8.81 -14.98
C ARG B 86 -11.34 -9.93 -15.86
N GLN B 87 -12.39 -9.69 -16.64
CA GLN B 87 -12.83 -10.71 -17.59
C GLN B 87 -11.89 -10.80 -18.78
N LYS B 88 -11.09 -9.76 -19.02
CA LYS B 88 -10.11 -9.77 -20.11
C LYS B 88 -8.72 -10.19 -19.64
N ALA B 89 -8.30 -9.80 -18.44
CA ALA B 89 -6.92 -10.05 -18.03
C ALA B 89 -6.80 -9.83 -16.53
N GLN B 90 -5.71 -10.37 -15.96
CA GLN B 90 -5.41 -10.21 -14.54
C GLN B 90 -4.53 -9.00 -14.27
N THR B 91 -4.74 -7.93 -15.03
CA THR B 91 -3.95 -6.70 -14.91
C THR B 91 -4.01 -6.14 -13.49
N PRO B 92 -2.87 -5.84 -12.86
CA PRO B 92 -2.89 -5.24 -11.53
C PRO B 92 -3.60 -3.90 -11.51
N VAL B 93 -4.26 -3.61 -10.40
CA VAL B 93 -5.06 -2.39 -10.23
C VAL B 93 -4.78 -1.79 -8.87
N ILE B 94 -4.53 -0.48 -8.85
CA ILE B 94 -4.47 0.32 -7.62
C ILE B 94 -5.67 1.27 -7.64
N MET B 95 -6.51 1.20 -6.61
CA MET B 95 -7.69 2.05 -6.54
CA MET B 95 -7.69 2.05 -6.55
C MET B 95 -7.34 3.42 -5.98
N LEU B 96 -7.78 4.47 -6.67
CA LEU B 96 -7.64 5.84 -6.17
C LEU B 96 -8.87 6.15 -5.33
N THR B 97 -8.67 6.48 -4.05
CA THR B 97 -9.75 6.71 -3.12
C THR B 97 -9.61 8.11 -2.53
N ALA B 98 -10.64 8.52 -1.78
CA ALA B 98 -10.60 9.81 -1.11
C ALA B 98 -11.31 9.77 0.24
N LEU B 99 -12.47 9.13 0.29
CA LEU B 99 -13.27 9.04 1.50
C LEU B 99 -12.83 7.84 2.33
N ASP B 100 -12.94 7.96 3.66
CA ASP B 100 -12.66 6.78 4.47
C ASP B 100 -13.64 5.66 4.15
N GLN B 101 -14.87 6.00 3.79
CA GLN B 101 -15.82 5.01 3.31
C GLN B 101 -15.31 4.29 2.06
N ASP B 102 -14.54 4.99 1.19
CA ASP B 102 -13.94 4.31 0.04
C ASP B 102 -13.00 3.20 0.49
N ILE B 103 -12.25 3.44 1.58
CA ILE B 103 -11.33 2.43 2.09
C ILE B 103 -12.10 1.17 2.48
N ASP B 104 -13.23 1.35 3.17
CA ASP B 104 -14.09 0.23 3.56
C ASP B 104 -14.51 -0.57 2.35
N LYS B 105 -14.96 0.12 1.30
CA LYS B 105 -15.41 -0.57 0.08
C LYS B 105 -14.27 -1.36 -0.55
N VAL B 106 -13.10 -0.73 -0.71
CA VAL B 106 -11.99 -1.43 -1.35
C VAL B 106 -11.62 -2.68 -0.56
N MET B 107 -11.52 -2.54 0.77
CA MET B 107 -11.10 -3.66 1.61
C MET B 107 -12.06 -4.83 1.52
N ALA B 108 -13.35 -4.55 1.23
CA ALA B 108 -14.37 -5.58 1.25
C ALA B 108 -14.66 -6.16 -0.13
N LEU B 109 -13.90 -5.76 -1.17
CA LEU B 109 -14.20 -6.22 -2.51
C LEU B 109 -14.03 -7.73 -2.64
N ARG B 110 -15.01 -8.37 -3.28
CA ARG B 110 -14.88 -9.78 -3.62
C ARG B 110 -13.78 -9.99 -4.66
N ILE B 111 -13.72 -9.11 -5.64
CA ILE B 111 -12.67 -9.09 -6.65
C ILE B 111 -11.79 -7.92 -6.27
N GLY B 112 -10.68 -8.20 -5.61
CA GLY B 112 -9.94 -7.16 -4.94
C GLY B 112 -8.94 -6.43 -5.82
N ALA B 113 -8.57 -5.25 -5.36
CA ALA B 113 -7.48 -4.47 -5.94
C ALA B 113 -6.15 -4.88 -5.32
N ASP B 114 -5.06 -4.59 -6.04
CA ASP B 114 -3.74 -4.92 -5.52
C ASP B 114 -3.32 -3.95 -4.43
N ASP B 115 -3.81 -2.72 -4.47
CA ASP B 115 -3.51 -1.73 -3.43
C ASP B 115 -4.50 -0.60 -3.64
N PHE B 116 -4.42 0.39 -2.77
CA PHE B 116 -5.20 1.62 -2.90
C PHE B 116 -4.31 2.77 -2.44
N VAL B 117 -4.72 3.99 -2.80
CA VAL B 117 -4.02 5.18 -2.32
C VAL B 117 -5.09 6.20 -1.98
N VAL B 118 -4.88 6.96 -0.91
CA VAL B 118 -5.90 7.86 -0.35
C VAL B 118 -5.52 9.29 -0.70
N ALA B 119 -6.42 9.99 -1.42
CA ALA B 119 -6.23 11.41 -1.72
C ALA B 119 -6.58 12.25 -0.49
N PRO B 120 -5.92 13.40 -0.31
CA PRO B 120 -4.88 13.95 -1.18
C PRO B 120 -3.53 13.30 -0.92
N PHE B 121 -2.77 13.06 -1.98
CA PHE B 121 -1.50 12.39 -1.84
C PHE B 121 -0.38 13.22 -2.44
N ASN B 122 0.79 13.10 -1.82
CA ASN B 122 2.01 13.46 -2.51
C ASN B 122 2.15 12.51 -3.68
N PRO B 123 2.34 13.00 -4.90
CA PRO B 123 2.45 12.10 -6.04
C PRO B 123 3.57 11.09 -5.88
N ASN B 124 4.58 11.37 -5.06
CA ASN B 124 5.63 10.38 -4.88
C ASN B 124 5.10 9.14 -4.19
N GLU B 125 4.05 9.29 -3.35
CA GLU B 125 3.42 8.10 -2.76
C GLU B 125 2.80 7.21 -3.84
N VAL B 126 2.15 7.83 -4.83
CA VAL B 126 1.58 7.04 -5.92
C VAL B 126 2.67 6.27 -6.66
N ILE B 127 3.79 6.93 -6.95
CA ILE B 127 4.88 6.26 -7.64
C ILE B 127 5.38 5.07 -6.83
N ALA B 128 5.56 5.25 -5.52
CA ALA B 128 6.01 4.18 -4.65
C ALA B 128 5.06 2.99 -4.70
N ARG B 129 3.75 3.25 -4.71
CA ARG B 129 2.80 2.15 -4.68
C ARG B 129 2.72 1.46 -6.05
N VAL B 130 2.82 2.24 -7.13
CA VAL B 130 2.92 1.67 -8.48
C VAL B 130 4.13 0.75 -8.56
N GLN B 131 5.28 1.20 -8.06
CA GLN B 131 6.48 0.34 -8.12
C GLN B 131 6.28 -0.92 -7.29
N ALA B 132 5.68 -0.79 -6.11
CA ALA B 132 5.53 -1.95 -5.24
C ALA B 132 4.65 -3.00 -5.90
N VAL B 133 3.57 -2.58 -6.57
CA VAL B 133 2.69 -3.55 -7.20
C VAL B 133 3.33 -4.11 -8.46
N LEU B 134 4.00 -3.26 -9.25
CA LEU B 134 4.72 -3.78 -10.42
C LEU B 134 5.75 -4.82 -10.02
N ARG B 135 6.41 -4.62 -8.88
CA ARG B 135 7.41 -5.58 -8.44
C ARG B 135 6.76 -6.89 -8.02
N ARG B 136 5.68 -6.82 -7.24
CA ARG B 136 5.01 -8.04 -6.82
C ARG B 136 4.45 -8.83 -8.01
N THR B 137 4.06 -8.14 -9.10
CA THR B 137 3.45 -8.78 -10.26
C THR B 137 4.40 -8.87 -11.46
N GLN B 138 5.71 -8.68 -11.23
CA GLN B 138 6.70 -8.70 -12.31
C GLN B 138 6.61 -9.96 -13.16
N PHE B 139 6.43 -11.11 -12.50
CA PHE B 139 6.42 -12.40 -13.18
C PHE B 139 5.08 -13.11 -13.04
N ALA B 140 4.02 -12.36 -12.76
CA ALA B 140 2.69 -12.96 -12.61
C ALA B 140 2.12 -13.37 -13.96
MG MG C . 7.64 8.51 15.51
MG MG D . -2.34 10.50 3.22
MG MG E . -11.95 11.53 -9.85
#